data_6VW4
#
_entry.id   6VW4
#
_cell.length_a   161.240
_cell.length_b   161.240
_cell.length_c   161.240
_cell.angle_alpha   90.000
_cell.angle_beta   90.000
_cell.angle_gamma   90.000
#
_symmetry.space_group_name_H-M   'I 2 3'
#
loop_
_entity.id
_entity.type
_entity.pdbx_description
1 polymer 'Aromatic-ring-hydroxylating dioxygenase beta subunit'
2 non-polymer '[(3S)-9-hydroxy-1-methyl-10-oxo-4,10-dihydro-3H-benzo[g]isochromen-3-yl]acetic acid'
3 water water
#
_entity_poly.entity_id   1
_entity_poly.type   'polypeptide(L)'
_entity_poly.pdbx_seq_one_letter_code
;MADHWSQAALYAEVQQHQARQMHALDEGKFEEYADTFTPDGVFRHTPGRDPAIGREAIVRELNEFHERYAEDPVQRRHMF
TMLAIDELDELDDSAVQADFYTLVLTTRVDGLTVGPSCPVRDVLVRGADGRLLTASRWVEHDNRTVAERTAAAR
;
_entity_poly.pdbx_strand_id   A,B
#
# COMPACT_ATOMS: atom_id res chain seq x y z
N GLN A 7 2.73 -28.59 -7.95
CA GLN A 7 2.49 -28.14 -6.56
C GLN A 7 3.72 -28.29 -5.64
N ALA A 8 4.53 -29.31 -5.91
CA ALA A 8 5.81 -29.42 -5.25
C ALA A 8 6.69 -28.21 -5.50
N ALA A 9 6.67 -27.67 -6.72
CA ALA A 9 7.61 -26.59 -7.02
C ALA A 9 7.18 -25.32 -6.33
N LEU A 10 5.87 -25.09 -6.21
CA LEU A 10 5.39 -23.95 -5.46
C LEU A 10 5.75 -24.08 -3.97
N TYR A 11 5.76 -25.30 -3.44
CA TYR A 11 6.06 -25.49 -2.03
C TYR A 11 7.49 -25.01 -1.73
N ALA A 12 8.44 -25.45 -2.55
CA ALA A 12 9.82 -24.96 -2.42
C ALA A 12 9.92 -23.45 -2.67
N GLU A 13 9.17 -22.93 -3.64
CA GLU A 13 9.21 -21.49 -3.90
C GLU A 13 8.72 -20.68 -2.70
N VAL A 14 7.66 -21.15 -2.01
CA VAL A 14 7.19 -20.44 -0.81
C VAL A 14 8.25 -20.48 0.30
N GLN A 15 8.87 -21.63 0.51
CA GLN A 15 9.92 -21.72 1.53
C GLN A 15 11.08 -20.78 1.20
N GLN A 16 11.47 -20.70 -0.08
CA GLN A 16 12.58 -19.82 -0.47
C GLN A 16 12.21 -18.36 -0.22
N HIS A 17 10.99 -17.99 -0.59
CA HIS A 17 10.51 -16.63 -0.39
C HIS A 17 10.44 -16.31 1.10
N GLN A 18 9.89 -17.23 1.91
CA GLN A 18 9.83 -16.94 3.34
C GLN A 18 11.22 -16.80 3.94
N ALA A 19 12.15 -17.63 3.50
CA ALA A 19 13.52 -17.57 4.01
C ALA A 19 14.15 -16.22 3.71
N ARG A 20 14.03 -15.76 2.45
CA ARG A 20 14.61 -14.45 2.10
C ARG A 20 13.95 -13.32 2.89
N GLN A 21 12.62 -13.30 2.94
CA GLN A 21 11.92 -12.35 3.80
C GLN A 21 12.55 -12.26 5.18
N MET A 22 12.67 -13.42 5.86
CA MET A 22 13.10 -13.38 7.25
C MET A 22 14.59 -13.09 7.39
N HIS A 23 15.41 -13.44 6.39
CA HIS A 23 16.81 -13.03 6.47
C HIS A 23 16.92 -11.51 6.51
N ALA A 24 16.08 -10.83 5.73
CA ALA A 24 16.08 -9.39 5.71
C ALA A 24 15.53 -8.82 7.01
N LEU A 25 14.42 -9.36 7.50
CA LEU A 25 13.85 -8.87 8.76
C LEU A 25 14.85 -9.00 9.91
N ASP A 26 15.44 -10.20 10.06
CA ASP A 26 16.28 -10.47 11.23
C ASP A 26 17.59 -9.71 11.17
N GLU A 27 18.04 -9.25 9.99
CA GLU A 27 19.20 -8.38 9.91
C GLU A 27 18.82 -6.90 9.94
N GLY A 28 17.58 -6.58 10.28
CA GLY A 28 17.13 -5.21 10.41
C GLY A 28 16.90 -4.45 9.11
N LYS A 29 16.83 -5.14 7.98
CA LYS A 29 16.58 -4.51 6.69
C LYS A 29 15.07 -4.43 6.48
N PHE A 30 14.45 -3.56 7.27
CA PHE A 30 12.99 -3.50 7.31
C PHE A 30 12.38 -3.07 5.98
N GLU A 31 13.10 -2.30 5.16
CA GLU A 31 12.53 -1.87 3.88
C GLU A 31 12.52 -3.03 2.90
N GLU A 32 13.63 -3.77 2.82
CA GLU A 32 13.68 -4.96 1.97
C GLU A 32 12.57 -5.92 2.35
N TYR A 33 12.31 -6.06 3.66
CA TYR A 33 11.27 -6.95 4.12
C TYR A 33 9.92 -6.47 3.64
N ALA A 34 9.66 -5.16 3.76
CA ALA A 34 8.36 -4.65 3.32
C ALA A 34 8.19 -4.78 1.82
N ASP A 35 9.28 -4.75 1.06
CA ASP A 35 9.19 -4.95 -0.39
C ASP A 35 8.88 -6.37 -0.80
N THR A 36 8.84 -7.33 0.12
CA THR A 36 8.38 -8.67 -0.25
C THR A 36 6.89 -8.80 -0.05
N PHE A 37 6.26 -7.79 0.51
CA PHE A 37 4.81 -7.72 0.58
C PHE A 37 4.26 -7.00 -0.65
N THR A 38 2.98 -7.23 -0.96
CA THR A 38 2.35 -6.43 -1.99
C THR A 38 2.23 -4.98 -1.50
N PRO A 39 2.01 -4.02 -2.42
CA PRO A 39 1.91 -2.61 -1.99
C PRO A 39 0.81 -2.34 -0.99
N ASP A 40 -0.27 -3.15 -1.03
CA ASP A 40 -1.37 -3.09 -0.08
C ASP A 40 -1.33 -4.24 0.94
N GLY A 41 -0.13 -4.74 1.25
CA GLY A 41 -0.01 -5.95 2.06
C GLY A 41 -0.40 -5.73 3.52
N VAL A 42 -1.11 -6.70 4.07
CA VAL A 42 -1.54 -6.69 5.46
C VAL A 42 -0.57 -7.51 6.32
N PHE A 43 -0.07 -6.91 7.40
CA PHE A 43 0.82 -7.54 8.38
C PHE A 43 0.24 -7.37 9.78
N ARG A 44 -0.41 -8.41 10.29
CA ARG A 44 -0.92 -8.45 11.67
C ARG A 44 0.08 -9.23 12.51
N HIS A 45 1.13 -8.54 13.04
CA HIS A 45 2.20 -9.24 13.73
C HIS A 45 1.86 -9.61 15.19
N THR A 46 0.92 -8.91 15.82
CA THR A 46 0.59 -9.21 17.21
C THR A 46 -0.91 -9.13 17.46
N PRO A 47 -1.50 -10.15 18.07
CA PRO A 47 -2.95 -10.10 18.33
C PRO A 47 -3.31 -8.94 19.25
N GLY A 48 -4.51 -8.43 19.05
CA GLY A 48 -4.97 -7.21 19.72
C GLY A 48 -4.65 -5.92 19.00
N ARG A 49 -3.43 -5.79 18.49
CA ARG A 49 -3.03 -4.62 17.73
C ARG A 49 -3.52 -4.66 16.28
N ASP A 50 -3.94 -3.51 15.77
CA ASP A 50 -4.44 -3.43 14.40
C ASP A 50 -3.29 -3.68 13.45
N PRO A 51 -3.57 -4.28 12.30
CA PRO A 51 -2.47 -4.59 11.36
C PRO A 51 -1.92 -3.36 10.68
N ALA A 52 -0.61 -3.39 10.42
CA ALA A 52 0.03 -2.45 9.51
C ALA A 52 -0.35 -2.80 8.05
N ILE A 53 -0.69 -1.78 7.27
CA ILE A 53 -1.21 -2.00 5.93
C ILE A 53 -0.44 -1.14 4.94
N GLY A 54 0.09 -1.78 3.92
CA GLY A 54 1.00 -1.11 3.04
C GLY A 54 2.41 -1.11 3.59
N ARG A 55 3.35 -0.99 2.64
CA ARG A 55 4.77 -1.09 2.96
C ARG A 55 5.21 -0.01 3.95
N GLU A 56 4.72 1.22 3.80
CA GLU A 56 5.18 2.28 4.69
C GLU A 56 4.74 2.01 6.13
N ALA A 57 3.51 1.52 6.30
CA ALA A 57 3.02 1.22 7.64
C ALA A 57 3.78 0.05 8.24
N ILE A 58 4.15 -0.92 7.41
CA ILE A 58 4.96 -2.05 7.85
C ILE A 58 6.31 -1.57 8.32
N VAL A 59 7.00 -0.79 7.50
CA VAL A 59 8.32 -0.33 7.93
C VAL A 59 8.24 0.52 9.19
N ARG A 60 7.18 1.31 9.34
CA ARG A 60 7.04 2.13 10.54
C ARG A 60 6.76 1.25 11.75
N GLU A 61 5.89 0.25 11.61
CA GLU A 61 5.58 -0.56 12.78
C GLU A 61 6.77 -1.40 13.22
N LEU A 62 7.71 -1.74 12.33
CA LEU A 62 8.90 -2.47 12.75
C LEU A 62 9.91 -1.55 13.43
N ASN A 63 9.97 -0.28 13.01
CA ASN A 63 10.82 0.68 13.70
C ASN A 63 10.28 0.99 15.09
N GLU A 64 8.96 1.05 15.26
CA GLU A 64 8.37 1.20 16.59
C GLU A 64 8.74 0.03 17.49
N PHE A 65 8.43 -1.19 17.04
CA PHE A 65 8.65 -2.41 17.83
C PHE A 65 10.10 -2.55 18.24
N HIS A 66 11.03 -2.22 17.34
CA HIS A 66 12.45 -2.46 17.60
C HIS A 66 13.17 -1.33 18.36
N GLU A 67 12.84 -0.05 18.13
CA GLU A 67 13.28 1.02 19.06
C GLU A 67 12.69 0.85 20.45
N ARG A 68 11.48 0.29 20.50
CA ARG A 68 10.79 0.05 21.77
C ARG A 68 11.59 -0.87 22.67
N TYR A 69 12.38 -1.78 22.09
CA TYR A 69 13.12 -2.79 22.85
C TYR A 69 14.57 -2.94 22.35
N ALA A 70 15.26 -1.82 22.21
CA ALA A 70 16.63 -1.84 21.68
C ALA A 70 17.22 -0.43 21.62
N PRO A 73 21.44 -4.02 20.96
CA PRO A 73 22.46 -5.08 21.07
C PRO A 73 21.83 -6.49 21.14
N VAL A 74 20.96 -6.76 20.16
CA VAL A 74 20.11 -7.95 20.15
C VAL A 74 20.10 -8.58 18.77
N GLN A 75 20.02 -9.92 18.71
CA GLN A 75 19.88 -10.64 17.45
C GLN A 75 18.71 -11.60 17.52
N ARG A 76 17.67 -11.29 16.79
CA ARG A 76 16.51 -12.17 16.69
C ARG A 76 16.63 -13.07 15.46
N ARG A 77 15.98 -14.23 15.55
CA ARG A 77 15.89 -15.22 14.48
C ARG A 77 14.48 -15.78 14.48
N HIS A 78 13.89 -15.93 13.31
CA HIS A 78 12.58 -16.53 13.14
C HIS A 78 12.76 -17.83 12.39
N MET A 79 12.40 -18.95 13.03
CA MET A 79 12.49 -20.26 12.42
C MET A 79 11.13 -20.77 12.02
N PHE A 80 10.95 -20.98 10.73
CA PHE A 80 9.69 -21.45 10.21
C PHE A 80 9.75 -22.95 10.06
N THR A 81 8.66 -23.65 10.45
CA THR A 81 8.53 -25.07 10.12
C THR A 81 7.06 -25.41 9.82
N MET A 82 6.81 -26.64 9.40
CA MET A 82 5.47 -27.20 9.30
C MET A 82 4.62 -26.45 8.29
N LEU A 83 5.16 -26.28 7.09
CA LEU A 83 4.44 -25.51 6.08
C LEU A 83 3.41 -26.41 5.39
N ALA A 84 2.15 -25.96 5.31
CA ALA A 84 1.14 -26.59 4.45
C ALA A 84 0.54 -25.52 3.54
N ILE A 85 0.46 -25.79 2.24
CA ILE A 85 -0.07 -24.81 1.30
C ILE A 85 -1.41 -25.32 0.74
N ASP A 86 -2.24 -24.37 0.29
CA ASP A 86 -3.53 -24.68 -0.33
C ASP A 86 -3.89 -23.60 -1.35
N GLU A 87 -4.58 -24.03 -2.42
CA GLU A 87 -5.10 -23.07 -3.41
C GLU A 87 -6.51 -22.59 -3.05
N ASP A 93 -7.53 -18.14 -7.69
CA ASP A 93 -6.90 -18.64 -8.92
C ASP A 93 -5.40 -18.33 -8.91
N SER A 94 -5.07 -17.08 -8.60
CA SER A 94 -3.69 -16.62 -8.60
C SER A 94 -3.01 -16.67 -7.23
N ALA A 95 -3.75 -17.01 -6.18
CA ALA A 95 -3.28 -16.83 -4.82
C ALA A 95 -3.07 -18.16 -4.10
N VAL A 96 -2.17 -18.14 -3.12
CA VAL A 96 -1.91 -19.35 -2.33
C VAL A 96 -1.89 -19.02 -0.85
N GLN A 97 -2.52 -19.88 -0.08
CA GLN A 97 -2.52 -19.79 1.37
C GLN A 97 -1.46 -20.71 1.95
N ALA A 98 -0.70 -20.19 2.91
CA ALA A 98 0.36 -20.90 3.59
C ALA A 98 0.13 -20.85 5.10
N ASP A 99 -0.03 -22.04 5.71
CA ASP A 99 -0.10 -22.20 7.16
C ASP A 99 1.19 -22.83 7.67
N PHE A 100 1.75 -22.26 8.73
CA PHE A 100 3.00 -22.76 9.24
C PHE A 100 3.21 -22.30 10.67
N TYR A 101 4.29 -22.81 11.27
CA TYR A 101 4.70 -22.52 12.63
C TYR A 101 5.92 -21.61 12.57
N THR A 102 5.95 -20.67 13.50
CA THR A 102 7.14 -19.87 13.74
C THR A 102 7.61 -20.08 15.17
N LEU A 103 8.92 -20.17 15.34
CA LEU A 103 9.59 -20.08 16.62
C LEU A 103 10.54 -18.88 16.64
N VAL A 104 10.34 -17.96 17.58
CA VAL A 104 11.18 -16.78 17.73
C VAL A 104 12.33 -17.06 18.70
N LEU A 105 13.52 -16.70 18.28
CA LEU A 105 14.71 -16.75 19.13
C LEU A 105 15.29 -15.35 19.28
N THR A 106 15.73 -15.03 20.49
CA THR A 106 16.34 -13.73 20.77
C THR A 106 17.63 -13.92 21.56
N THR A 107 18.73 -13.53 20.97
CA THR A 107 20.04 -13.66 21.55
C THR A 107 20.47 -12.30 22.08
N ARG A 108 20.79 -12.26 23.36
CA ARG A 108 21.36 -11.09 24.04
C ARG A 108 22.75 -11.48 24.54
N VAL A 109 23.49 -10.47 25.03
CA VAL A 109 24.77 -10.77 25.66
C VAL A 109 24.58 -11.72 26.85
N ASP A 110 23.47 -11.56 27.58
CA ASP A 110 23.22 -12.43 28.72
C ASP A 110 22.66 -13.81 28.36
N GLY A 111 22.33 -14.09 27.10
CA GLY A 111 21.82 -15.41 26.74
C GLY A 111 20.71 -15.37 25.71
N LEU A 112 20.07 -16.52 25.56
CA LEU A 112 19.13 -16.79 24.49
C LEU A 112 17.76 -17.05 25.08
N THR A 113 16.78 -16.23 24.71
CA THR A 113 15.41 -16.47 25.14
C THR A 113 14.64 -17.11 23.98
N VAL A 114 13.95 -18.19 24.28
CA VAL A 114 13.21 -18.97 23.32
C VAL A 114 11.74 -18.66 23.46
N GLY A 115 11.14 -18.12 22.40
CA GLY A 115 9.69 -18.00 22.35
C GLY A 115 9.34 -16.59 21.96
N PRO A 116 8.07 -16.33 21.65
CA PRO A 116 7.05 -17.40 21.63
C PRO A 116 7.02 -18.30 20.40
N SER A 117 6.17 -19.31 20.52
CA SER A 117 5.74 -20.16 19.45
C SER A 117 4.48 -19.56 18.83
N CYS A 118 4.46 -19.45 17.48
CA CYS A 118 3.42 -18.73 16.76
C CYS A 118 2.89 -19.44 15.51
N PRO A 119 1.64 -19.83 15.48
CA PRO A 119 1.04 -20.26 14.22
C PRO A 119 0.76 -19.03 13.36
N VAL A 120 1.03 -19.16 12.07
CA VAL A 120 0.97 -18.03 11.16
C VAL A 120 0.25 -18.47 9.89
N ARG A 121 -0.56 -17.58 9.35
CA ARG A 121 -1.15 -17.77 8.03
C ARG A 121 -0.70 -16.66 7.08
N ASP A 122 -0.11 -17.06 5.96
CA ASP A 122 0.28 -16.15 4.89
C ASP A 122 -0.65 -16.36 3.71
N VAL A 123 -0.89 -15.28 2.96
CA VAL A 123 -1.50 -15.38 1.63
C VAL A 123 -0.51 -14.76 0.64
N LEU A 124 -0.13 -15.54 -0.37
CA LEU A 124 0.83 -15.10 -1.39
C LEU A 124 0.14 -15.01 -2.74
N VAL A 125 0.62 -14.05 -3.53
CA VAL A 125 0.20 -13.83 -4.90
C VAL A 125 1.47 -13.70 -5.74
N ARG A 126 1.31 -13.79 -7.05
CA ARG A 126 2.41 -13.63 -7.97
C ARG A 126 2.37 -12.22 -8.55
N GLY A 127 3.53 -11.57 -8.57
CA GLY A 127 3.63 -10.26 -9.19
C GLY A 127 3.76 -10.32 -10.71
N ALA A 128 3.87 -9.12 -11.30
CA ALA A 128 3.87 -8.99 -12.75
C ALA A 128 5.07 -9.73 -13.34
N ASP A 129 6.22 -9.63 -12.67
CA ASP A 129 7.43 -10.30 -13.07
C ASP A 129 7.49 -11.79 -12.69
N GLY A 130 6.37 -12.42 -12.31
CA GLY A 130 6.38 -13.80 -11.84
C GLY A 130 6.94 -14.09 -10.44
N ARG A 131 7.52 -13.11 -9.72
CA ARG A 131 8.00 -13.34 -8.36
C ARG A 131 6.83 -13.34 -7.37
N LEU A 132 6.96 -14.13 -6.32
CA LEU A 132 5.93 -14.20 -5.29
C LEU A 132 5.99 -12.95 -4.42
N LEU A 133 4.83 -12.53 -3.93
CA LEU A 133 4.79 -11.50 -2.91
C LEU A 133 3.73 -11.87 -1.89
N THR A 134 3.88 -11.33 -0.67
CA THR A 134 2.98 -11.62 0.43
C THR A 134 1.87 -10.58 0.45
N ALA A 135 0.66 -11.02 0.20
CA ALA A 135 -0.51 -10.19 0.32
C ALA A 135 -0.89 -10.00 1.78
N SER A 136 -0.78 -11.07 2.58
CA SER A 136 -1.09 -10.95 3.99
C SER A 136 -0.29 -11.94 4.84
N ARG A 137 -0.05 -11.52 6.08
CA ARG A 137 0.56 -12.33 7.13
C ARG A 137 -0.19 -12.09 8.43
N TRP A 138 -0.75 -13.15 8.97
CA TRP A 138 -1.61 -13.12 10.13
C TRP A 138 -0.96 -13.99 11.22
N VAL A 139 -0.37 -13.36 12.23
CA VAL A 139 0.36 -14.05 13.28
C VAL A 139 -0.52 -14.21 14.51
N GLU A 140 -0.59 -15.44 15.03
CA GLU A 140 -1.07 -15.69 16.39
C GLU A 140 0.08 -16.00 17.34
N HIS A 141 -0.15 -15.78 18.63
CA HIS A 141 0.84 -16.02 19.68
C HIS A 141 0.31 -17.11 20.60
N ASP A 142 1.01 -18.24 20.70
CA ASP A 142 0.51 -19.32 21.53
C ASP A 142 0.37 -18.87 22.99
N ASN A 143 1.34 -18.08 23.50
CA ASN A 143 1.25 -17.61 24.89
C ASN A 143 -0.04 -16.82 25.11
N ARG A 144 -0.35 -15.87 24.20
CA ARG A 144 -1.59 -15.09 24.33
C ARG A 144 -2.84 -15.91 24.06
N THR A 145 -2.77 -16.87 23.16
CA THR A 145 -3.91 -17.77 22.94
C THR A 145 -4.23 -18.57 24.20
N VAL A 146 -3.20 -18.95 24.97
CA VAL A 146 -3.43 -19.82 26.13
C VAL A 146 -4.12 -19.07 27.26
N ALA A 147 -3.70 -17.83 27.54
CA ALA A 147 -4.42 -16.98 28.50
C ALA A 147 -5.93 -16.96 28.26
N GLU A 148 -6.35 -16.73 27.01
CA GLU A 148 -7.78 -16.69 26.68
C GLU A 148 -8.36 -18.10 26.53
N GLN B 7 2.19 -2.61 -23.79
CA GLN B 7 2.14 -1.19 -23.32
C GLN B 7 0.85 -0.43 -23.65
N ALA B 8 0.31 -0.73 -24.83
CA ALA B 8 -0.99 -0.20 -25.20
C ALA B 8 -2.06 -0.65 -24.23
N ALA B 9 -2.01 -1.90 -23.77
CA ALA B 9 -3.03 -2.37 -22.84
C ALA B 9 -2.90 -1.64 -21.52
N LEU B 10 -1.67 -1.36 -21.09
CA LEU B 10 -1.51 -0.61 -19.85
C LEU B 10 -2.03 0.84 -19.99
N TYR B 11 -1.84 1.45 -21.15
CA TYR B 11 -2.36 2.80 -21.40
C TYR B 11 -3.86 2.85 -21.16
N ALA B 12 -4.60 1.97 -21.82
CA ALA B 12 -6.05 1.88 -21.63
C ALA B 12 -6.40 1.64 -20.19
N GLU B 13 -5.62 0.80 -19.54
CA GLU B 13 -5.89 0.45 -18.15
C GLU B 13 -5.74 1.66 -17.22
N VAL B 14 -4.71 2.48 -17.42
CA VAL B 14 -4.57 3.70 -16.64
C VAL B 14 -5.76 4.63 -16.89
N GLN B 15 -6.18 4.77 -18.16
CA GLN B 15 -7.33 5.64 -18.43
C GLN B 15 -8.57 5.17 -17.69
N GLN B 16 -8.82 3.85 -17.68
CA GLN B 16 -10.00 3.33 -16.99
C GLN B 16 -9.92 3.56 -15.48
N HIS B 17 -8.74 3.40 -14.92
CA HIS B 17 -8.54 3.58 -13.49
C HIS B 17 -8.75 5.05 -13.11
N GLN B 18 -8.12 5.97 -13.86
CA GLN B 18 -8.35 7.39 -13.61
C GLN B 18 -9.82 7.75 -13.80
N ALA B 19 -10.47 7.20 -14.82
CA ALA B 19 -11.90 7.48 -14.97
C ALA B 19 -12.68 7.09 -13.72
N ARG B 20 -12.55 5.83 -13.28
CA ARG B 20 -13.31 5.35 -12.12
C ARG B 20 -12.97 6.14 -10.85
N GLN B 21 -11.70 6.48 -10.64
CA GLN B 21 -11.33 7.27 -9.49
C GLN B 21 -12.15 8.56 -9.46
N MET B 22 -12.16 9.28 -10.60
CA MET B 22 -12.78 10.59 -10.65
C MET B 22 -14.29 10.52 -10.65
N HIS B 23 -14.86 9.45 -11.20
CA HIS B 23 -16.29 9.26 -11.07
C HIS B 23 -16.68 9.20 -9.59
N ALA B 24 -15.88 8.54 -8.77
CA ALA B 24 -16.18 8.43 -7.35
C ALA B 24 -16.04 9.78 -6.67
N LEU B 25 -14.88 10.41 -6.79
CA LEU B 25 -14.66 11.74 -6.24
C LEU B 25 -15.74 12.74 -6.64
N ASP B 26 -16.00 12.89 -7.94
CA ASP B 26 -16.95 13.90 -8.39
C ASP B 26 -18.34 13.68 -7.82
N GLU B 27 -18.66 12.44 -7.47
CA GLU B 27 -19.94 12.09 -6.87
C GLU B 27 -19.89 12.10 -5.34
N GLY B 28 -18.79 12.56 -4.75
CA GLY B 28 -18.73 12.69 -3.32
C GLY B 28 -18.31 11.47 -2.55
N LYS B 29 -18.07 10.33 -3.22
CA LYS B 29 -17.68 9.08 -2.56
C LYS B 29 -16.19 9.08 -2.21
N PHE B 30 -15.86 9.81 -1.14
CA PHE B 30 -14.44 10.07 -0.89
C PHE B 30 -13.73 8.82 -0.41
N GLU B 31 -14.49 7.87 0.16
CA GLU B 31 -13.85 6.65 0.66
C GLU B 31 -13.50 5.72 -0.49
N GLU B 32 -14.46 5.45 -1.38
CA GLU B 32 -14.17 4.83 -2.66
C GLU B 32 -12.93 5.45 -3.31
N TYR B 33 -12.89 6.79 -3.39
CA TYR B 33 -11.76 7.44 -4.05
C TYR B 33 -10.46 7.09 -3.36
N ALA B 34 -10.46 7.16 -2.02
CA ALA B 34 -9.22 6.94 -1.27
C ALA B 34 -8.73 5.50 -1.38
N ASP B 35 -9.65 4.54 -1.50
CA ASP B 35 -9.31 3.14 -1.72
C ASP B 35 -8.62 2.89 -3.06
N THR B 36 -8.70 3.80 -4.03
CA THR B 36 -7.97 3.57 -5.28
C THR B 36 -6.53 4.02 -5.15
N PHE B 37 -6.19 4.63 -4.04
CA PHE B 37 -4.79 4.84 -3.71
C PHE B 37 -4.25 3.65 -2.93
N THR B 38 -2.93 3.56 -2.84
CA THR B 38 -2.29 2.64 -1.91
C THR B 38 -2.58 3.07 -0.48
N PRO B 39 -2.49 2.14 0.48
CA PRO B 39 -2.82 2.51 1.87
C PRO B 39 -2.05 3.71 2.39
N ASP B 40 -0.79 3.90 1.93
CA ASP B 40 0.06 5.03 2.29
C ASP B 40 0.17 6.07 1.16
N GLY B 41 -0.84 6.17 0.30
CA GLY B 41 -0.70 6.98 -0.91
C GLY B 41 -0.61 8.48 -0.66
N VAL B 42 0.32 9.12 -1.38
CA VAL B 42 0.63 10.54 -1.23
C VAL B 42 -0.23 11.37 -2.17
N PHE B 43 -0.98 12.34 -1.61
CA PHE B 43 -1.93 13.15 -2.37
C PHE B 43 -1.62 14.63 -2.17
N ARG B 44 -0.83 15.25 -3.05
CA ARG B 44 -0.72 16.70 -3.01
C ARG B 44 -1.77 17.38 -3.90
N HIS B 45 -2.90 17.75 -3.28
CA HIS B 45 -4.05 18.37 -3.96
C HIS B 45 -3.70 19.73 -4.52
N THR B 46 -3.03 20.57 -3.74
CA THR B 46 -2.86 21.95 -4.10
C THR B 46 -1.44 22.36 -3.72
N PRO B 47 -0.72 23.04 -4.61
CA PRO B 47 0.63 23.48 -4.25
C PRO B 47 0.60 24.41 -3.03
N GLY B 48 1.69 24.36 -2.27
CA GLY B 48 1.76 25.07 -1.01
C GLY B 48 1.34 24.22 0.17
N ARG B 49 0.14 23.63 0.09
CA ARG B 49 -0.33 22.71 1.11
C ARG B 49 0.46 21.40 1.08
N ASP B 50 0.90 20.97 2.27
CA ASP B 50 1.55 19.68 2.42
C ASP B 50 0.57 18.56 2.08
N PRO B 51 1.06 17.46 1.51
CA PRO B 51 0.16 16.41 1.03
C PRO B 51 -0.45 15.58 2.14
N ALA B 52 -1.74 15.28 1.99
CA ALA B 52 -2.36 14.18 2.72
C ALA B 52 -1.59 12.87 2.46
N ILE B 53 -1.48 12.04 3.50
CA ILE B 53 -0.76 10.77 3.38
C ILE B 53 -1.57 9.66 3.99
N GLY B 54 -1.95 8.70 3.16
CA GLY B 54 -2.73 7.56 3.55
C GLY B 54 -4.20 7.80 3.32
N ARG B 55 -4.94 6.72 3.28
CA ARG B 55 -6.35 6.83 2.91
C ARG B 55 -7.11 7.64 3.94
N GLU B 56 -6.81 7.46 5.23
CA GLU B 56 -7.56 8.20 6.26
C GLU B 56 -7.37 9.70 6.08
N ALA B 57 -6.11 10.14 5.92
CA ALA B 57 -5.82 11.55 5.69
C ALA B 57 -6.43 12.06 4.38
N ILE B 58 -6.46 11.22 3.34
CA ILE B 58 -7.03 11.64 2.07
C ILE B 58 -8.51 11.94 2.24
N VAL B 59 -9.22 11.05 2.93
CA VAL B 59 -10.64 11.28 3.15
C VAL B 59 -10.86 12.49 4.06
N ARG B 60 -10.02 12.65 5.09
CA ARG B 60 -10.14 13.81 5.96
C ARG B 60 -9.95 15.11 5.18
N GLU B 61 -8.94 15.16 4.30
CA GLU B 61 -8.65 16.42 3.62
C GLU B 61 -9.69 16.76 2.55
N LEU B 62 -10.40 15.77 2.00
CA LEU B 62 -11.43 16.10 1.03
C LEU B 62 -12.74 16.46 1.72
N ASN B 63 -12.95 15.96 2.94
CA ASN B 63 -14.10 16.41 3.71
C ASN B 63 -13.89 17.83 4.23
N GLU B 64 -12.65 18.21 4.52
CA GLU B 64 -12.36 19.58 4.94
C GLU B 64 -12.48 20.56 3.76
N PHE B 65 -12.06 20.14 2.56
CA PHE B 65 -12.12 20.99 1.36
C PHE B 65 -13.56 21.26 0.94
N HIS B 66 -14.39 20.21 0.90
CA HIS B 66 -15.80 20.38 0.61
C HIS B 66 -16.55 20.98 1.80
N GLU B 67 -15.88 21.13 2.95
CA GLU B 67 -16.47 21.66 4.18
C GLU B 67 -16.73 23.18 4.11
N ARG B 68 -15.70 23.99 3.82
CA ARG B 68 -15.87 25.39 3.47
C ARG B 68 -15.84 25.32 1.94
N TYR B 69 -16.84 25.89 1.20
CA TYR B 69 -16.96 25.83 -0.32
C TYR B 69 -18.18 24.89 -0.56
N PRO B 73 -24.79 22.86 -3.12
CA PRO B 73 -25.49 22.81 -4.41
C PRO B 73 -24.52 22.99 -5.61
N VAL B 74 -23.52 22.11 -5.69
CA VAL B 74 -22.39 22.27 -6.60
C VAL B 74 -21.98 20.92 -7.18
N GLN B 75 -21.69 20.89 -8.48
CA GLN B 75 -21.24 19.67 -9.17
C GLN B 75 -19.90 19.95 -9.81
N ARG B 76 -18.84 19.44 -9.21
CA ARG B 76 -17.53 19.42 -9.85
C ARG B 76 -17.35 18.22 -10.81
N ARG B 77 -16.57 18.46 -11.87
CA ARG B 77 -16.14 17.47 -12.85
C ARG B 77 -14.65 17.69 -13.05
N HIS B 78 -13.89 16.60 -13.08
CA HIS B 78 -12.48 16.65 -13.47
C HIS B 78 -12.32 15.92 -14.79
N MET B 79 -11.74 16.59 -15.77
CA MET B 79 -11.58 16.05 -17.11
C MET B 79 -10.11 15.91 -17.43
N PHE B 80 -9.67 14.66 -17.64
CA PHE B 80 -8.27 14.37 -17.89
C PHE B 80 -8.03 14.27 -19.39
N THR B 81 -6.91 14.80 -19.88
CA THR B 81 -6.46 14.52 -21.25
C THR B 81 -4.94 14.43 -21.30
N MET B 82 -4.41 14.07 -22.46
CA MET B 82 -2.98 14.16 -22.72
C MET B 82 -2.18 13.22 -21.83
N LEU B 83 -2.56 11.95 -21.77
CA LEU B 83 -1.85 10.98 -20.95
C LEU B 83 -0.58 10.49 -21.66
N ALA B 84 0.58 10.63 -20.99
CA ALA B 84 1.83 9.98 -21.41
C ALA B 84 2.31 9.13 -20.24
N ILE B 85 2.56 7.84 -20.48
CA ILE B 85 3.10 6.96 -19.47
C ILE B 85 4.55 6.63 -19.79
N ASP B 86 5.29 6.22 -18.75
CA ASP B 86 6.69 5.80 -18.89
C ASP B 86 7.09 4.89 -17.73
N GLU B 87 7.98 3.93 -18.02
CA GLU B 87 8.50 3.03 -16.97
C GLU B 87 9.78 3.56 -16.30
N ASP B 93 10.76 -0.50 -11.77
CA ASP B 93 10.51 -1.93 -11.95
C ASP B 93 9.02 -2.22 -11.68
N SER B 94 8.60 -1.82 -10.49
CA SER B 94 7.27 -2.19 -10.02
C SER B 94 6.16 -1.24 -10.50
N ALA B 95 6.51 -0.11 -11.14
CA ALA B 95 5.67 1.08 -11.09
C ALA B 95 5.62 1.85 -12.41
N VAL B 96 4.52 2.58 -12.59
CA VAL B 96 4.27 3.34 -13.81
C VAL B 96 4.04 4.82 -13.46
N GLN B 97 4.72 5.68 -14.19
CA GLN B 97 4.54 7.12 -14.12
C GLN B 97 3.57 7.60 -15.21
N ALA B 98 2.55 8.36 -14.79
CA ALA B 98 1.57 8.98 -15.68
C ALA B 98 1.58 10.50 -15.53
N ASP B 99 1.94 11.19 -16.63
CA ASP B 99 1.81 12.64 -16.78
C ASP B 99 0.62 12.98 -17.65
N PHE B 100 -0.22 13.90 -17.20
CA PHE B 100 -1.41 14.28 -17.93
C PHE B 100 -1.91 15.65 -17.48
N TYR B 101 -2.93 16.13 -18.20
CA TYR B 101 -3.56 17.42 -17.99
C TYR B 101 -4.92 17.18 -17.37
N THR B 102 -5.28 18.05 -16.46
CA THR B 102 -6.58 18.06 -15.84
C THR B 102 -7.24 19.40 -16.07
N LEU B 103 -8.53 19.37 -16.38
CA LEU B 103 -9.35 20.57 -16.45
C LEU B 103 -10.51 20.41 -15.48
N VAL B 104 -10.60 21.33 -14.52
CA VAL B 104 -11.64 21.33 -13.49
C VAL B 104 -12.82 22.16 -13.96
N LEU B 105 -14.03 21.63 -13.78
CA LEU B 105 -15.27 22.30 -14.09
C LEU B 105 -16.16 22.28 -12.86
N THR B 106 -16.78 23.42 -12.55
CA THR B 106 -17.64 23.52 -11.37
C THR B 106 -18.97 24.12 -11.80
N THR B 107 -20.04 23.33 -11.77
CA THR B 107 -21.34 23.82 -12.17
C THR B 107 -22.12 24.23 -10.93
N ARG B 108 -22.68 25.43 -10.95
CA ARG B 108 -23.50 25.93 -9.85
C ARG B 108 -24.87 26.31 -10.38
N VAL B 109 -25.75 26.71 -9.45
CA VAL B 109 -27.04 27.22 -9.89
C VAL B 109 -26.84 28.38 -10.84
N ASP B 110 -25.85 29.25 -10.54
CA ASP B 110 -25.68 30.46 -11.36
C ASP B 110 -24.77 30.27 -12.58
N GLY B 111 -24.12 29.14 -12.76
CA GLY B 111 -23.42 28.89 -14.01
C GLY B 111 -22.19 27.99 -13.84
N LEU B 112 -21.37 27.97 -14.87
CA LEU B 112 -20.24 27.07 -14.97
C LEU B 112 -18.91 27.81 -14.92
N THR B 113 -18.09 27.44 -13.94
CA THR B 113 -16.75 27.99 -13.80
C THR B 113 -15.74 27.00 -14.38
N VAL B 114 -14.97 27.46 -15.37
CA VAL B 114 -13.98 26.64 -16.04
C VAL B 114 -12.62 26.98 -15.45
N GLY B 115 -11.95 25.98 -14.92
CA GLY B 115 -10.57 26.15 -14.50
C GLY B 115 -10.48 25.85 -13.03
N PRO B 116 -9.27 25.73 -12.51
CA PRO B 116 -8.02 25.82 -13.28
C PRO B 116 -7.63 24.61 -14.15
N SER B 117 -6.61 24.88 -14.97
CA SER B 117 -5.88 23.90 -15.76
C SER B 117 -4.73 23.37 -14.91
N CYS B 118 -4.62 22.04 -14.79
CA CYS B 118 -3.57 21.44 -13.96
C CYS B 118 -2.80 20.28 -14.61
N PRO B 119 -1.51 20.44 -14.89
CA PRO B 119 -0.67 19.26 -15.16
C PRO B 119 -0.53 18.43 -13.90
N VAL B 120 -0.66 17.12 -14.06
CA VAL B 120 -0.60 16.19 -12.92
C VAL B 120 0.34 15.04 -13.22
N ARG B 121 1.04 14.59 -12.18
CA ARG B 121 1.87 13.40 -12.27
C ARG B 121 1.40 12.34 -11.27
N ASP B 122 1.09 11.16 -11.78
CA ASP B 122 0.63 10.03 -10.98
C ASP B 122 1.71 8.98 -10.94
N VAL B 123 1.77 8.21 -9.87
CA VAL B 123 2.57 6.99 -9.82
C VAL B 123 1.66 5.82 -9.45
N LEU B 124 1.62 4.82 -10.31
CA LEU B 124 0.75 3.66 -10.14
C LEU B 124 1.56 2.39 -9.94
N VAL B 125 1.04 1.54 -9.06
CA VAL B 125 1.50 0.19 -8.78
C VAL B 125 0.28 -0.72 -8.84
N ARG B 126 0.51 -2.01 -8.60
CA ARG B 126 -0.55 -3.02 -8.60
C ARG B 126 -0.70 -3.56 -7.20
N GLY B 127 -1.91 -3.80 -6.79
CA GLY B 127 -2.17 -4.41 -5.52
C GLY B 127 -2.29 -5.90 -5.66
N ALA B 128 -2.61 -6.56 -4.54
CA ALA B 128 -2.58 -8.02 -4.48
C ALA B 128 -3.49 -8.65 -5.54
N ASP B 129 -4.69 -8.11 -5.73
CA ASP B 129 -5.61 -8.62 -6.75
C ASP B 129 -5.20 -8.29 -8.18
N GLY B 130 -4.08 -7.61 -8.43
CA GLY B 130 -3.74 -7.22 -9.79
C GLY B 130 -4.22 -5.85 -10.27
N ARG B 131 -5.26 -5.29 -9.67
CA ARG B 131 -5.81 -4.00 -10.09
C ARG B 131 -4.82 -2.89 -9.76
N LEU B 132 -4.88 -1.83 -10.55
CA LEU B 132 -4.01 -0.68 -10.34
C LEU B 132 -4.41 0.11 -9.09
N LEU B 133 -3.40 0.72 -8.50
CA LEU B 133 -3.55 1.55 -7.34
C LEU B 133 -2.65 2.74 -7.50
N THR B 134 -3.14 3.91 -7.09
CA THR B 134 -2.37 5.15 -7.18
C THR B 134 -1.50 5.26 -5.94
N ALA B 135 -0.18 5.32 -6.16
CA ALA B 135 0.72 5.47 -5.01
C ALA B 135 1.00 6.95 -4.72
N SER B 136 1.03 7.79 -5.74
CA SER B 136 1.25 9.21 -5.53
C SER B 136 0.58 10.02 -6.64
N ARG B 137 0.00 11.16 -6.25
CA ARG B 137 -0.59 12.14 -7.15
C ARG B 137 -0.06 13.52 -6.77
N TRP B 138 0.64 14.16 -7.67
CA TRP B 138 1.18 15.51 -7.48
C TRP B 138 0.49 16.48 -8.43
N VAL B 139 -0.36 17.34 -7.89
CA VAL B 139 -1.08 18.34 -8.68
C VAL B 139 -0.33 19.67 -8.65
N GLU B 140 -0.07 20.23 -9.84
CA GLU B 140 0.28 21.62 -10.04
C GLU B 140 -0.91 22.40 -10.61
N HIS B 141 -0.98 23.71 -10.32
CA HIS B 141 -2.05 24.59 -10.82
C HIS B 141 -1.43 25.64 -11.74
N ASP B 142 -1.93 25.74 -12.98
CA ASP B 142 -1.31 26.69 -13.91
C ASP B 142 -1.48 28.14 -13.44
N ASN B 143 -2.61 28.47 -12.82
CA ASN B 143 -2.79 29.84 -12.35
C ASN B 143 -1.76 30.19 -11.27
N ARG B 144 -1.57 29.32 -10.27
CA ARG B 144 -0.53 29.52 -9.26
C ARG B 144 0.87 29.48 -9.86
N THR B 145 1.08 28.66 -10.88
CA THR B 145 2.40 28.60 -11.51
C THR B 145 2.74 29.92 -12.18
N VAL B 146 1.78 30.52 -12.89
CA VAL B 146 2.01 31.78 -13.60
C VAL B 146 2.27 32.94 -12.62
N ALA B 147 1.66 32.91 -11.42
CA ALA B 147 2.14 33.73 -10.31
C ALA B 147 3.65 33.51 -10.12
N GLU B 148 4.43 34.51 -10.54
CA GLU B 148 5.85 34.33 -10.76
C GLU B 148 6.34 35.64 -11.39
#